data_9GPU
#
_entry.id   9GPU
#
_cell.length_a   49
_cell.length_b   49
_cell.length_c   194.642
_cell.angle_alpha   90
_cell.angle_beta   90
_cell.angle_gamma   120
#
_symmetry.space_group_name_H-M   'P 32 2 1'
#
loop_
_entity.id
_entity.type
_entity.pdbx_description
1 polymer 'Peptidyl-prolyl cis-trans isomerase FKBP5'
2 non-polymer 3-cyclohexyl-23,24-dimethoxy-17-methyl-11,22-dioxa-5-aza-23lambda5,24lambda5-diphospha-2,23lambda5-diphosphapentacyclo[21.2.1.01,18.05,10.018,23]hexacosa-18,24-diene-4,12-quinone
3 water water
#
_entity_poly.entity_id   1
_entity_poly.type   'polypeptide(L)'
_entity_poly.pdbx_seq_one_letter_code
;GAPATVTEQGEDITSKKDRGVLKIVKRVGNGEETPMIGDKVYVHYKGKLSNGKKFDSSHDRNEPFVFSLGKGQVIKAWDI
GVATMKKGEIAHLLIKPEYAYGSAGSLPKIPSNATLFFEIELLDFKGE
;
_entity_poly.pdbx_strand_id   B,A
#
loop_
_chem_comp.id
_chem_comp.type
_chem_comp.name
_chem_comp.formula
A1INS non-polymer 3-cyclohexyl-23,24-dimethoxy-17-methyl-11,22-dioxa-5-aza-23lambda5,24lambda5-diphospha-2,23lambda5-diphosphapentacyclo[21.2.1.01,18.05,10.018,23]hexacosa-18,24-diene-4,12-quinone 'C32 H46 N4 O6'
#
# COMPACT_ATOMS: atom_id res chain seq x y z
N GLY A 1 -20.88 -16.56 -0.94
CA GLY A 1 -20.16 -16.53 -2.22
C GLY A 1 -18.71 -17.00 -2.06
N ALA A 2 -17.93 -16.79 -3.11
CA ALA A 2 -16.60 -17.41 -3.16
C ALA A 2 -15.71 -16.90 -2.04
N PRO A 3 -15.67 -15.61 -1.66
CA PRO A 3 -14.86 -15.19 -0.52
C PRO A 3 -15.23 -15.96 0.77
N ALA A 4 -16.52 -16.08 1.07
CA ALA A 4 -16.94 -16.75 2.29
C ALA A 4 -16.51 -18.21 2.26
N THR A 5 -16.57 -18.85 1.07
CA THR A 5 -16.14 -20.23 0.93
C THR A 5 -14.66 -20.38 1.25
N VAL A 6 -13.85 -19.41 0.86
CA VAL A 6 -12.43 -19.47 1.19
C VAL A 6 -12.22 -19.29 2.69
N THR A 7 -12.98 -18.37 3.31
CA THR A 7 -12.92 -18.23 4.75
C THR A 7 -13.17 -19.56 5.45
N GLU A 8 -14.25 -20.23 5.05
CA GLU A 8 -14.69 -21.46 5.69
C GLU A 8 -13.76 -22.64 5.41
N GLN A 9 -13.27 -22.77 4.17
CA GLN A 9 -12.68 -24.03 3.71
C GLN A 9 -11.23 -23.87 3.25
N GLY A 10 -10.71 -22.64 3.16
CA GLY A 10 -9.39 -22.47 2.56
C GLY A 10 -8.28 -22.96 3.48
N GLU A 11 -7.16 -23.32 2.86
CA GLU A 11 -5.92 -23.65 3.53
C GLU A 11 -5.13 -22.39 3.85
N ASP A 12 -4.60 -22.32 5.06
CA ASP A 12 -3.70 -21.26 5.47
C ASP A 12 -2.29 -21.55 4.96
N ILE A 13 -1.85 -20.78 3.99
CA ILE A 13 -0.55 -21.02 3.36
C ILE A 13 0.50 -20.04 3.86
N THR A 14 0.21 -19.31 4.94
CA THR A 14 1.22 -18.43 5.53
C THR A 14 2.17 -19.21 6.39
N SER A 15 3.43 -18.77 6.43
CA SER A 15 4.41 -19.34 7.33
C SER A 15 4.06 -19.17 8.81
N LYS A 16 3.51 -17.99 9.15
CA LYS A 16 3.15 -17.69 10.51
C LYS A 16 1.84 -18.35 10.95
N LYS A 17 1.07 -18.88 10.01
CA LYS A 17 -0.23 -19.49 10.31
C LYS A 17 -1.14 -18.49 11.00
N ASP A 18 -1.27 -17.32 10.38
CA ASP A 18 -2.10 -16.22 10.86
C ASP A 18 -3.32 -16.00 9.97
N ARG A 19 -3.61 -16.99 9.11
CA ARG A 19 -4.75 -16.95 8.19
C ARG A 19 -4.70 -15.72 7.27
N GLY A 20 -3.50 -15.21 7.00
CA GLY A 20 -3.35 -14.00 6.21
C GLY A 20 -3.56 -14.24 4.71
N VAL A 21 -3.32 -15.48 4.27
CA VAL A 21 -3.48 -15.92 2.90
C VAL A 21 -4.12 -17.29 2.94
N LEU A 22 -5.37 -17.38 2.49
CA LEU A 22 -6.16 -18.60 2.49
C LEU A 22 -6.40 -19.00 1.03
N LYS A 23 -6.28 -20.32 0.75
CA LYS A 23 -6.27 -20.81 -0.61
C LYS A 23 -7.25 -21.97 -0.78
N ILE A 24 -7.97 -21.98 -1.90
CA ILE A 24 -8.67 -23.17 -2.38
C ILE A 24 -8.24 -23.43 -3.81
N VAL A 25 -7.86 -24.68 -4.09
CA VAL A 25 -7.64 -25.09 -5.47
C VAL A 25 -9.00 -25.39 -6.10
N LYS A 26 -9.33 -24.67 -7.19
CA LYS A 26 -10.60 -24.84 -7.89
C LYS A 26 -10.49 -25.74 -9.12
N ARG A 27 -9.34 -25.72 -9.79
CA ARG A 27 -9.04 -26.64 -10.87
C ARG A 27 -7.58 -27.07 -10.70
N VAL A 28 -7.35 -28.39 -10.73
CA VAL A 28 -6.01 -28.93 -10.59
C VAL A 28 -5.22 -28.70 -11.87
N GLY A 29 -3.95 -28.28 -11.68
CA GLY A 29 -3.00 -28.13 -12.77
C GLY A 29 -2.12 -29.39 -13.00
N ASN A 30 -0.96 -29.25 -13.69
CA ASN A 30 -0.08 -30.39 -13.97
C ASN A 30 1.38 -30.02 -13.69
N GLY A 31 2.25 -31.01 -13.45
CA GLY A 31 3.66 -30.70 -13.54
C GLY A 31 4.49 -31.02 -12.32
N GLU A 32 4.11 -30.52 -11.12
CA GLU A 32 4.90 -30.81 -9.92
C GLU A 32 6.18 -29.96 -9.87
N GLU A 33 6.40 -29.11 -10.88
CA GLU A 33 7.17 -27.89 -10.69
C GLU A 33 6.19 -26.79 -10.31
N THR A 34 6.51 -26.00 -9.28
CA THR A 34 5.83 -24.75 -9.02
C THR A 34 6.81 -23.62 -9.32
N PRO A 35 6.33 -22.37 -9.45
CA PRO A 35 7.27 -21.25 -9.58
C PRO A 35 8.15 -21.01 -8.36
N MET A 36 9.36 -20.51 -8.62
CA MET A 36 10.23 -20.05 -7.54
C MET A 36 10.71 -18.65 -7.80
N ILE A 37 11.30 -18.10 -6.71
CA ILE A 37 11.69 -16.70 -6.68
C ILE A 37 12.56 -16.46 -7.91
N GLY A 38 12.19 -15.46 -8.69
CA GLY A 38 12.91 -15.05 -9.87
C GLY A 38 12.18 -15.34 -11.18
N ASP A 39 11.30 -16.36 -11.18
CA ASP A 39 10.66 -16.79 -12.42
C ASP A 39 9.76 -15.68 -12.98
N LYS A 40 9.68 -15.60 -14.32
CA LYS A 40 8.70 -14.77 -14.98
C LYS A 40 7.41 -15.58 -15.07
N VAL A 41 6.32 -15.05 -14.51
CA VAL A 41 5.08 -15.76 -14.34
C VAL A 41 3.99 -15.07 -15.15
N TYR A 42 3.18 -15.92 -15.82
CA TYR A 42 2.08 -15.46 -16.65
C TYR A 42 0.79 -15.99 -16.05
N VAL A 43 -0.15 -15.08 -15.75
CA VAL A 43 -1.43 -15.52 -15.20
C VAL A 43 -2.57 -14.77 -15.84
N HIS A 44 -3.79 -15.35 -15.75
CA HIS A 44 -5.00 -14.54 -15.82
C HIS A 44 -5.57 -14.50 -14.40
N TYR A 45 -6.26 -13.41 -14.06
CA TYR A 45 -6.82 -13.26 -12.74
C TYR A 45 -8.07 -12.39 -12.81
N LYS A 46 -8.90 -12.57 -11.80
CA LYS A 46 -9.95 -11.64 -11.46
C LYS A 46 -9.80 -11.35 -9.98
N GLY A 47 -9.78 -10.07 -9.62
CA GLY A 47 -9.61 -9.71 -8.23
C GLY A 47 -10.66 -8.70 -7.83
N LYS A 48 -11.00 -8.66 -6.58
CA LYS A 48 -11.93 -7.68 -6.04
C LYS A 48 -11.69 -7.49 -4.56
N LEU A 49 -12.16 -6.36 -4.03
CA LEU A 49 -12.28 -6.21 -2.60
C LEU A 49 -13.28 -7.26 -2.10
N SER A 50 -12.99 -7.87 -0.95
CA SER A 50 -13.78 -9.02 -0.54
C SER A 50 -15.28 -8.69 -0.47
N ASN A 51 -15.60 -7.42 -0.25
CA ASN A 51 -16.97 -6.92 -0.16
C ASN A 51 -17.56 -6.54 -1.52
N GLY A 52 -17.08 -7.14 -2.62
CA GLY A 52 -17.82 -7.15 -3.89
C GLY A 52 -17.91 -5.77 -4.53
N PHE A 55 -14.91 -6.30 -10.07
CA PHE A 55 -13.66 -7.07 -10.24
C PHE A 55 -12.73 -6.26 -11.13
N ASP A 56 -11.45 -6.21 -10.79
CA ASP A 56 -10.41 -5.94 -11.78
C ASP A 56 -9.98 -7.27 -12.39
N SER A 57 -9.89 -7.36 -13.71
CA SER A 57 -9.51 -8.61 -14.35
C SER A 57 -8.49 -8.33 -15.43
N SER A 58 -7.51 -9.23 -15.55
CA SER A 58 -6.56 -9.20 -16.63
C SER A 58 -7.27 -9.25 -17.99
N HIS A 59 -8.44 -9.94 -18.04
CA HIS A 59 -9.19 -10.08 -19.28
C HIS A 59 -9.73 -8.71 -19.72
N ASP A 60 -9.87 -7.76 -18.79
CA ASP A 60 -10.32 -6.41 -19.18
C ASP A 60 -9.29 -5.72 -20.06
N ARG A 61 -8.02 -6.16 -19.98
CA ARG A 61 -6.96 -5.56 -20.77
C ARG A 61 -6.54 -6.46 -21.91
N ASN A 62 -7.26 -7.59 -22.07
CA ASN A 62 -7.10 -8.47 -23.22
C ASN A 62 -5.66 -9.01 -23.27
N GLU A 63 -5.02 -9.18 -22.12
CA GLU A 63 -3.69 -9.78 -22.10
C GLU A 63 -3.41 -10.43 -20.74
N PRO A 64 -2.55 -11.47 -20.69
CA PRO A 64 -2.08 -12.00 -19.42
C PRO A 64 -1.37 -10.95 -18.60
N PHE A 65 -1.47 -11.12 -17.29
CA PHE A 65 -0.69 -10.36 -16.32
C PHE A 65 0.63 -11.09 -16.05
N VAL A 66 1.73 -10.33 -16.16
CA VAL A 66 3.06 -10.89 -16.11
C VAL A 66 3.87 -10.21 -15.02
N PHE A 67 4.58 -11.03 -14.23
CA PHE A 67 5.40 -10.47 -13.18
C PHE A 67 6.50 -11.46 -12.83
N SER A 68 7.54 -10.95 -12.15
CA SER A 68 8.62 -11.77 -11.66
C SER A 68 8.36 -12.13 -10.19
N LEU A 69 8.33 -13.44 -9.92
CA LEU A 69 7.91 -14.00 -8.65
C LEU A 69 8.94 -13.72 -7.57
N GLY A 70 8.45 -13.32 -6.40
CA GLY A 70 9.27 -13.15 -5.22
C GLY A 70 10.13 -11.89 -5.25
N LYS A 71 9.80 -10.96 -6.13
CA LYS A 71 10.57 -9.75 -6.39
C LYS A 71 9.80 -8.52 -5.88
N GLY A 72 8.66 -8.71 -5.18
CA GLY A 72 7.89 -7.59 -4.65
C GLY A 72 7.29 -6.67 -5.74
N GLN A 73 7.04 -7.23 -6.93
CA GLN A 73 6.36 -6.50 -8.00
C GLN A 73 4.85 -6.56 -7.78
N VAL A 74 4.46 -7.45 -6.88
CA VAL A 74 3.06 -7.69 -6.53
C VAL A 74 3.01 -7.72 -5.01
N ILE A 75 1.78 -7.72 -4.50
CA ILE A 75 1.56 -7.92 -3.09
C ILE A 75 2.13 -9.22 -2.58
N LYS A 76 2.52 -9.21 -1.29
CA LYS A 76 3.14 -10.39 -0.66
C LYS A 76 2.29 -11.65 -0.89
N ALA A 77 0.98 -11.54 -0.75
CA ALA A 77 0.11 -12.70 -0.91
C ALA A 77 0.26 -13.38 -2.24
N TRP A 78 0.55 -12.63 -3.30
CA TRP A 78 0.73 -13.26 -4.60
C TRP A 78 2.09 -13.96 -4.67
N ASP A 79 3.15 -13.41 -4.08
CA ASP A 79 4.42 -14.10 -4.07
C ASP A 79 4.29 -15.40 -3.28
N ILE A 80 3.56 -15.37 -2.15
CA ILE A 80 3.34 -16.59 -1.38
C ILE A 80 2.43 -17.57 -2.14
N GLY A 81 1.31 -17.04 -2.65
CA GLY A 81 0.31 -17.93 -3.21
C GLY A 81 0.67 -18.54 -4.55
N VAL A 82 1.23 -17.74 -5.45
CA VAL A 82 1.51 -18.26 -6.77
C VAL A 82 2.65 -19.29 -6.69
N ALA A 83 3.55 -19.15 -5.71
CA ALA A 83 4.60 -20.12 -5.49
C ALA A 83 4.06 -21.52 -5.16
N THR A 84 2.80 -21.63 -4.74
CA THR A 84 2.16 -22.90 -4.42
C THR A 84 1.43 -23.53 -5.61
N MET A 85 1.35 -22.86 -6.75
CA MET A 85 0.45 -23.26 -7.83
C MET A 85 1.21 -24.03 -8.92
N LYS A 86 0.50 -24.95 -9.58
CA LYS A 86 0.99 -25.72 -10.73
C LYS A 86 0.49 -25.07 -12.03
N LYS A 87 1.19 -25.30 -13.14
CA LYS A 87 0.73 -24.81 -14.42
C LYS A 87 -0.65 -25.40 -14.69
N GLY A 88 -1.60 -24.56 -15.15
CA GLY A 88 -2.97 -24.99 -15.39
C GLY A 88 -3.91 -24.89 -14.21
N GLU A 89 -3.36 -24.62 -13.00
CA GLU A 89 -4.19 -24.55 -11.80
C GLU A 89 -5.01 -23.27 -11.81
N ILE A 90 -6.25 -23.39 -11.29
CA ILE A 90 -7.03 -22.22 -10.93
C ILE A 90 -7.21 -22.31 -9.42
N ALA A 91 -6.86 -21.21 -8.75
CA ALA A 91 -6.93 -21.11 -7.31
C ALA A 91 -7.69 -19.86 -6.90
N HIS A 92 -8.33 -19.95 -5.74
CA HIS A 92 -8.91 -18.80 -5.07
C HIS A 92 -8.06 -18.43 -3.86
N LEU A 93 -7.74 -17.16 -3.73
CA LEU A 93 -7.06 -16.60 -2.55
C LEU A 93 -7.93 -15.56 -1.87
N LEU A 94 -7.93 -15.61 -0.54
CA LEU A 94 -8.51 -14.56 0.28
C LEU A 94 -7.41 -14.04 1.17
N ILE A 95 -7.24 -12.72 1.18
CA ILE A 95 -6.00 -12.11 1.66
C ILE A 95 -6.30 -10.99 2.65
N LYS A 96 -5.75 -11.09 3.85
CA LYS A 96 -5.84 -10.04 4.85
C LYS A 96 -4.92 -8.87 4.48
N PRO A 97 -5.21 -7.66 5.00
CA PRO A 97 -4.46 -6.46 4.62
C PRO A 97 -2.96 -6.56 4.85
N GLU A 98 -2.52 -7.30 5.88
CA GLU A 98 -1.11 -7.43 6.16
C GLU A 98 -0.32 -8.04 5.01
N TYR A 99 -0.99 -8.81 4.13
CA TYR A 99 -0.37 -9.44 2.99
C TYR A 99 -0.76 -8.77 1.67
N ALA A 100 -1.36 -7.59 1.79
CA ALA A 100 -1.80 -6.83 0.63
C ALA A 100 -1.38 -5.38 0.86
N TYR A 101 -2.32 -4.46 1.06
CA TYR A 101 -1.97 -3.05 1.07
C TYR A 101 -2.04 -2.41 2.46
N GLY A 102 -2.31 -3.19 3.50
CA GLY A 102 -2.10 -2.75 4.86
C GLY A 102 -3.01 -1.60 5.29
N SER A 103 -2.59 -0.91 6.34
CA SER A 103 -3.36 0.20 6.89
C SER A 103 -3.31 1.40 5.97
N ALA A 104 -2.24 1.55 5.20
CA ALA A 104 -2.19 2.69 4.27
C ALA A 104 -3.22 2.58 3.16
N GLY A 105 -3.50 1.34 2.74
CA GLY A 105 -4.24 1.15 1.51
C GLY A 105 -3.45 1.57 0.28
N SER A 106 -4.17 1.68 -0.83
CA SER A 106 -3.61 2.16 -2.08
C SER A 106 -4.74 2.79 -2.88
N LEU A 107 -5.14 4.00 -2.45
CA LEU A 107 -6.29 4.66 -3.06
C LEU A 107 -5.92 5.10 -4.48
N PRO A 108 -6.88 5.24 -5.40
CA PRO A 108 -8.31 5.08 -5.08
C PRO A 108 -8.81 3.64 -5.10
N LYS A 109 -8.05 2.68 -5.65
CA LYS A 109 -8.61 1.35 -5.84
C LYS A 109 -8.74 0.57 -4.55
N ILE A 110 -7.81 0.72 -3.61
CA ILE A 110 -7.83 -0.11 -2.41
C ILE A 110 -7.89 0.77 -1.17
N PRO A 111 -8.93 0.65 -0.32
CA PRO A 111 -8.97 1.40 0.94
C PRO A 111 -8.08 0.80 1.99
N SER A 112 -7.94 1.52 3.11
CA SER A 112 -7.24 1.05 4.28
C SER A 112 -7.82 -0.26 4.78
N ASN A 113 -6.94 -1.16 5.19
CA ASN A 113 -7.36 -2.36 5.90
C ASN A 113 -8.33 -3.24 5.08
N ALA A 114 -8.07 -3.34 3.81
CA ALA A 114 -8.89 -4.10 2.89
C ALA A 114 -8.47 -5.57 2.83
N THR A 115 -9.47 -6.43 2.84
CA THR A 115 -9.32 -7.83 2.49
C THR A 115 -9.61 -8.00 1.00
N LEU A 116 -8.78 -8.79 0.31
CA LEU A 116 -8.85 -8.97 -1.13
C LEU A 116 -9.17 -10.42 -1.47
N PHE A 117 -9.88 -10.61 -2.58
CA PHE A 117 -10.18 -11.94 -3.14
C PHE A 117 -9.66 -11.99 -4.58
N PHE A 118 -8.96 -13.07 -4.92
CA PHE A 118 -8.54 -13.30 -6.29
C PHE A 118 -8.89 -14.71 -6.73
N GLU A 119 -9.25 -14.84 -8.01
CA GLU A 119 -9.15 -16.09 -8.72
C GLU A 119 -7.98 -15.93 -9.67
N ILE A 120 -7.05 -16.88 -9.63
CA ILE A 120 -5.83 -16.84 -10.42
C ILE A 120 -5.77 -18.15 -11.22
N GLU A 121 -5.47 -18.00 -12.53
CA GLU A 121 -5.09 -19.13 -13.36
C GLU A 121 -3.61 -18.99 -13.73
N LEU A 122 -2.79 -19.96 -13.33
CA LEU A 122 -1.39 -19.94 -13.73
C LEU A 122 -1.23 -20.49 -15.14
N LEU A 123 -0.83 -19.62 -16.06
CA LEU A 123 -0.71 -19.97 -17.47
C LEU A 123 0.64 -20.60 -17.79
N ASP A 124 1.71 -20.00 -17.24
CA ASP A 124 3.05 -20.45 -17.57
C ASP A 124 4.04 -19.76 -16.66
N PHE A 125 5.28 -20.26 -16.63
CA PHE A 125 6.36 -19.63 -15.89
C PHE A 125 7.69 -20.13 -16.44
N LYS A 126 8.68 -19.24 -16.42
CA LYS A 126 9.97 -19.46 -17.05
C LYS A 126 11.04 -18.93 -16.09
N GLY A 127 12.18 -19.64 -15.99
CA GLY A 127 13.21 -19.27 -15.02
C GLY A 127 14.09 -18.13 -15.53
N GLU A 128 14.48 -17.22 -14.64
CA GLU A 128 15.26 -16.04 -14.99
C GLU A 128 16.52 -16.46 -15.79
N GLY B 1 -4.94 28.18 13.72
CA GLY B 1 -3.62 27.64 14.07
C GLY B 1 -2.90 27.08 12.84
N ALA B 2 -2.07 26.07 13.06
CA ALA B 2 -1.18 25.60 12.01
C ALA B 2 -1.96 25.05 10.81
N PRO B 3 -3.04 24.25 10.99
CA PRO B 3 -3.84 23.84 9.85
C PRO B 3 -4.41 25.01 9.04
N ALA B 4 -4.95 26.02 9.72
CA ALA B 4 -5.53 27.17 9.01
C ALA B 4 -4.46 27.90 8.19
N THR B 5 -3.26 28.05 8.77
CA THR B 5 -2.16 28.70 8.09
C THR B 5 -1.87 27.97 6.78
N VAL B 6 -1.94 26.64 6.82
CA VAL B 6 -1.62 25.88 5.64
C VAL B 6 -2.71 26.07 4.58
N THR B 7 -3.98 26.05 4.98
CA THR B 7 -5.07 26.31 4.05
C THR B 7 -4.83 27.61 3.30
N GLU B 8 -4.50 28.64 4.07
CA GLU B 8 -4.50 30.00 3.55
C GLU B 8 -3.24 30.22 2.70
N GLN B 9 -2.09 29.66 3.13
CA GLN B 9 -0.80 29.99 2.56
C GLN B 9 -0.12 28.79 1.92
N GLY B 10 -0.57 27.55 2.17
CA GLY B 10 0.23 26.39 1.77
C GLY B 10 0.36 26.28 0.25
N GLU B 11 1.50 25.71 -0.18
CA GLU B 11 1.76 25.42 -1.57
C GLU B 11 1.07 24.10 -1.95
N ASP B 12 0.38 24.08 -3.07
CA ASP B 12 -0.23 22.90 -3.62
C ASP B 12 0.83 22.08 -4.35
N ILE B 13 1.18 20.95 -3.76
CA ILE B 13 2.25 20.11 -4.30
C ILE B 13 1.69 18.89 -5.06
N THR B 14 0.40 18.89 -5.36
CA THR B 14 -0.20 17.86 -6.21
C THR B 14 0.06 18.15 -7.67
N SER B 15 0.19 17.07 -8.44
CA SER B 15 0.30 17.19 -9.90
C SER B 15 -0.98 17.75 -10.51
N LYS B 16 -2.12 17.31 -10.00
CA LYS B 16 -3.41 17.72 -10.54
C LYS B 16 -3.80 19.13 -10.10
N LYS B 17 -3.05 19.73 -9.15
CA LYS B 17 -3.39 21.06 -8.66
C LYS B 17 -4.84 21.08 -8.15
N ASP B 18 -5.16 20.10 -7.31
CA ASP B 18 -6.48 19.98 -6.70
C ASP B 18 -6.44 20.32 -5.21
N ARG B 19 -5.33 20.95 -4.75
CA ARG B 19 -5.16 21.38 -3.37
C ARG B 19 -5.27 20.19 -2.42
N GLY B 20 -4.98 18.98 -2.91
CA GLY B 20 -5.17 17.77 -2.12
C GLY B 20 -4.11 17.62 -1.03
N VAL B 21 -2.93 18.19 -1.29
CA VAL B 21 -1.79 18.14 -0.40
C VAL B 21 -1.17 19.53 -0.42
N LEU B 22 -1.27 20.23 0.71
CA LEU B 22 -0.78 21.58 0.84
C LEU B 22 0.39 21.57 1.83
N LYS B 23 1.45 22.33 1.52
CA LYS B 23 2.71 22.26 2.24
C LYS B 23 3.22 23.65 2.66
N ILE B 24 3.66 23.76 3.90
CA ILE B 24 4.48 24.88 4.33
C ILE B 24 5.79 24.34 4.88
N VAL B 25 6.93 24.90 4.42
CA VAL B 25 8.21 24.61 5.02
C VAL B 25 8.33 25.44 6.29
N LYS B 26 8.55 24.75 7.42
CA LYS B 26 8.77 25.42 8.70
C LYS B 26 10.24 25.59 9.04
N ARG B 27 11.10 24.66 8.59
CA ARG B 27 12.54 24.81 8.74
C ARG B 27 13.17 24.28 7.46
N VAL B 28 14.04 25.09 6.85
CA VAL B 28 14.75 24.72 5.63
C VAL B 28 15.79 23.65 5.96
N GLY B 29 15.88 22.61 5.11
CA GLY B 29 16.84 21.54 5.28
C GLY B 29 18.21 21.82 4.65
N ASN B 30 18.96 20.73 4.46
CA ASN B 30 20.35 20.81 4.07
C ASN B 30 20.49 20.33 2.65
N GLY B 31 21.33 21.04 1.90
CA GLY B 31 21.71 20.53 0.60
C GLY B 31 20.58 20.66 -0.39
N GLU B 32 20.68 19.89 -1.48
CA GLU B 32 19.73 19.94 -2.57
C GLU B 32 18.93 18.64 -2.69
N GLU B 33 19.49 17.49 -2.29
CA GLU B 33 18.88 16.23 -2.67
C GLU B 33 17.59 16.02 -1.88
N THR B 34 16.62 15.42 -2.57
CA THR B 34 15.39 14.92 -1.99
C THR B 34 15.27 13.45 -2.35
N PRO B 35 14.52 12.66 -1.56
CA PRO B 35 14.57 11.22 -1.69
C PRO B 35 13.92 10.70 -2.96
N MET B 36 14.49 9.61 -3.43
CA MET B 36 13.99 8.90 -4.60
C MET B 36 13.06 7.77 -4.19
N ILE B 37 12.19 7.39 -5.12
CA ILE B 37 11.37 6.22 -4.88
C ILE B 37 12.29 5.03 -4.60
N GLY B 38 11.94 4.31 -3.54
CA GLY B 38 12.71 3.17 -3.06
C GLY B 38 13.63 3.49 -1.89
N ASP B 39 13.94 4.79 -1.68
CA ASP B 39 14.83 5.16 -0.59
C ASP B 39 14.19 4.86 0.76
N LYS B 40 15.07 4.50 1.73
CA LYS B 40 14.62 4.30 3.10
C LYS B 40 14.63 5.66 3.77
N VAL B 41 13.49 6.07 4.32
CA VAL B 41 13.31 7.39 4.86
C VAL B 41 13.07 7.29 6.36
N TYR B 42 13.71 8.21 7.09
CA TYR B 42 13.59 8.28 8.53
C TYR B 42 13.02 9.63 8.89
N VAL B 43 11.91 9.65 9.66
CA VAL B 43 11.27 10.90 10.02
C VAL B 43 10.89 10.91 11.49
N HIS B 44 10.71 12.11 12.04
CA HIS B 44 9.84 12.34 13.16
C HIS B 44 8.56 13.02 12.67
N TYR B 45 7.42 12.72 13.29
CA TYR B 45 6.18 13.35 12.88
C TYR B 45 5.19 13.43 14.03
N LYS B 46 4.28 14.37 13.84
CA LYS B 46 3.04 14.47 14.57
C LYS B 46 1.92 14.55 13.58
N GLY B 47 0.83 13.85 13.87
CA GLY B 47 -0.32 13.88 13.00
C GLY B 47 -1.59 13.98 13.84
N LYS B 48 -2.59 14.56 13.22
CA LYS B 48 -3.88 14.66 13.87
C LYS B 48 -4.96 14.75 12.80
N LEU B 49 -6.18 14.34 13.19
CA LEU B 49 -7.33 14.70 12.39
C LEU B 49 -7.51 16.20 12.54
N SER B 50 -7.91 16.86 11.44
CA SER B 50 -8.18 18.28 11.49
C SER B 50 -9.18 18.62 12.63
N ASN B 51 -10.11 17.68 12.92
CA ASN B 51 -11.05 17.77 14.02
C ASN B 51 -10.33 17.70 15.38
N GLY B 52 -9.18 17.03 15.43
CA GLY B 52 -8.37 16.96 16.64
C GLY B 52 -8.89 15.90 17.61
N LYS B 53 -9.70 14.95 17.13
CA LYS B 53 -10.22 13.88 17.97
C LYS B 53 -9.16 12.78 18.16
N LYS B 54 -8.08 12.80 17.36
CA LYS B 54 -7.08 11.74 17.35
C LYS B 54 -5.75 12.42 17.03
N PHE B 55 -4.73 12.07 17.79
CA PHE B 55 -3.38 12.60 17.67
C PHE B 55 -2.43 11.42 17.73
N ASP B 56 -1.32 11.51 17.03
CA ASP B 56 -0.32 10.47 16.97
C ASP B 56 1.03 11.14 16.74
N SER B 57 2.09 10.61 17.35
CA SER B 57 3.40 11.22 17.17
C SER B 57 4.48 10.17 17.40
N SER B 58 5.50 10.20 16.54
CA SER B 58 6.69 9.41 16.76
C SER B 58 7.35 9.88 18.06
N HIS B 59 7.19 11.16 18.40
CA HIS B 59 7.90 11.78 19.52
C HIS B 59 7.40 11.12 20.80
N ASP B 60 6.12 10.66 20.80
CA ASP B 60 5.53 9.93 21.92
C ASP B 60 6.33 8.66 22.22
N ARG B 61 6.86 8.07 21.15
CA ARG B 61 7.52 6.77 21.20
C ARG B 61 9.04 6.93 21.21
N ASN B 62 9.49 8.19 21.08
CA ASN B 62 10.87 8.58 21.16
C ASN B 62 11.76 7.80 20.18
N GLU B 63 11.21 7.42 19.02
CA GLU B 63 11.95 6.74 17.96
C GLU B 63 11.46 7.20 16.60
N PRO B 64 12.33 7.25 15.56
CA PRO B 64 11.89 7.63 14.24
C PRO B 64 10.91 6.64 13.62
N PHE B 65 10.08 7.15 12.73
CA PHE B 65 9.26 6.33 11.85
C PHE B 65 10.00 6.14 10.53
N VAL B 66 10.04 4.89 10.08
CA VAL B 66 10.87 4.52 8.94
C VAL B 66 9.98 3.86 7.90
N PHE B 67 10.17 4.28 6.65
CA PHE B 67 9.43 3.67 5.55
C PHE B 67 10.21 3.82 4.26
N SER B 68 9.81 3.04 3.27
CA SER B 68 10.39 3.10 1.94
C SER B 68 9.52 4.00 1.08
N LEU B 69 10.13 5.03 0.47
CA LEU B 69 9.37 6.04 -0.27
C LEU B 69 8.78 5.45 -1.55
N GLY B 70 7.51 5.80 -1.81
CA GLY B 70 6.90 5.58 -3.11
C GLY B 70 6.42 4.17 -3.32
N LYS B 71 6.27 3.39 -2.24
CA LYS B 71 5.75 2.05 -2.31
C LYS B 71 4.32 1.99 -1.76
N GLY B 72 3.65 3.12 -1.45
CA GLY B 72 2.31 3.00 -0.86
C GLY B 72 2.30 2.39 0.55
N GLN B 73 3.46 2.39 1.25
CA GLN B 73 3.57 1.94 2.63
C GLN B 73 2.95 2.95 3.59
N VAL B 74 2.69 4.14 3.04
CA VAL B 74 2.07 5.25 3.73
C VAL B 74 1.00 5.81 2.80
N ILE B 75 0.17 6.70 3.34
CA ILE B 75 -0.83 7.37 2.54
C ILE B 75 -0.15 8.16 1.42
N LYS B 76 -0.92 8.39 0.33
CA LYS B 76 -0.40 8.99 -0.89
C LYS B 76 0.24 10.34 -0.55
N ALA B 77 -0.42 11.12 0.33
CA ALA B 77 0.09 12.44 0.68
C ALA B 77 1.53 12.39 1.24
N TRP B 78 1.87 11.33 1.95
CA TRP B 78 3.23 11.21 2.46
C TRP B 78 4.23 10.84 1.37
N ASP B 79 3.83 9.96 0.43
CA ASP B 79 4.71 9.65 -0.68
C ASP B 79 4.95 10.93 -1.50
N ILE B 80 3.91 11.75 -1.73
CA ILE B 80 4.07 13.01 -2.46
C ILE B 80 4.90 13.99 -1.64
N GLY B 81 4.51 14.17 -0.37
CA GLY B 81 5.07 15.26 0.40
C GLY B 81 6.50 15.04 0.86
N VAL B 82 6.78 13.84 1.36
CA VAL B 82 8.13 13.57 1.82
C VAL B 82 9.11 13.59 0.65
N ALA B 83 8.66 13.23 -0.56
CA ALA B 83 9.51 13.32 -1.72
C ALA B 83 9.95 14.74 -2.06
N THR B 84 9.26 15.76 -1.54
CA THR B 84 9.64 17.14 -1.78
C THR B 84 10.62 17.67 -0.75
N MET B 85 10.96 16.89 0.27
CA MET B 85 11.69 17.39 1.43
C MET B 85 13.18 17.09 1.35
N LYS B 86 13.97 18.04 1.90
CA LYS B 86 15.41 17.87 2.07
C LYS B 86 15.72 17.37 3.49
N LYS B 87 16.90 16.81 3.63
CA LYS B 87 17.39 16.35 4.91
C LYS B 87 17.44 17.52 5.89
N GLY B 88 16.85 17.33 7.08
CA GLY B 88 16.78 18.39 8.07
C GLY B 88 15.55 19.28 7.97
N GLU B 89 14.77 19.18 6.89
CA GLU B 89 13.62 20.03 6.69
C GLU B 89 12.49 19.63 7.64
N ILE B 90 11.73 20.63 8.09
CA ILE B 90 10.47 20.39 8.79
C ILE B 90 9.38 21.06 7.97
N ALA B 91 8.32 20.30 7.71
CA ALA B 91 7.21 20.79 6.92
C ALA B 91 5.89 20.51 7.64
N HIS B 92 4.89 21.32 7.32
CA HIS B 92 3.51 21.06 7.66
C HIS B 92 2.77 20.67 6.39
N LEU B 93 1.99 19.59 6.46
CA LEU B 93 1.12 19.15 5.39
C LEU B 93 -0.32 19.15 5.88
N LEU B 94 -1.21 19.66 5.03
CA LEU B 94 -2.65 19.55 5.22
C LEU B 94 -3.19 18.77 4.03
N ILE B 95 -3.97 17.72 4.34
CA ILE B 95 -4.27 16.67 3.39
C ILE B 95 -5.76 16.40 3.29
N LYS B 96 -6.29 16.53 2.08
CA LYS B 96 -7.68 16.22 1.81
C LYS B 96 -7.88 14.70 1.80
N PRO B 97 -9.12 14.19 2.03
CA PRO B 97 -9.31 12.77 2.19
C PRO B 97 -8.88 11.92 1.00
N GLU B 98 -8.90 12.47 -0.21
CA GLU B 98 -8.55 11.70 -1.39
C GLU B 98 -7.07 11.27 -1.36
N TYR B 99 -6.22 11.98 -0.60
CA TYR B 99 -4.80 11.71 -0.49
C TYR B 99 -4.44 11.08 0.87
N ALA B 100 -5.48 10.69 1.65
CA ALA B 100 -5.31 10.10 2.97
C ALA B 100 -6.11 8.80 3.01
N TYR B 101 -7.25 8.78 3.68
CA TYR B 101 -8.06 7.59 3.86
C TYR B 101 -9.42 7.61 3.16
N GLY B 102 -9.73 8.66 2.43
CA GLY B 102 -10.83 8.63 1.50
C GLY B 102 -12.21 8.56 2.13
N SER B 103 -13.17 8.14 1.30
CA SER B 103 -14.55 8.03 1.75
C SER B 103 -14.69 6.84 2.68
N ALA B 104 -13.87 5.80 2.46
CA ALA B 104 -13.97 4.65 3.33
C ALA B 104 -13.48 4.93 4.74
N GLY B 105 -12.47 5.79 4.87
CA GLY B 105 -11.86 5.99 6.17
C GLY B 105 -11.02 4.78 6.59
N SER B 106 -10.71 4.70 7.88
CA SER B 106 -10.01 3.58 8.48
C SER B 106 -10.56 3.42 9.88
N LEU B 107 -11.83 3.03 9.94
CA LEU B 107 -12.57 3.04 11.19
C LEU B 107 -12.13 1.87 12.06
N PRO B 108 -12.20 2.01 13.40
CA PRO B 108 -12.74 3.19 14.08
C PRO B 108 -11.78 4.38 14.23
N LYS B 109 -10.51 4.21 13.89
CA LYS B 109 -9.54 5.26 14.15
C LYS B 109 -9.82 6.52 13.32
N ILE B 110 -10.00 6.35 12.02
CA ILE B 110 -10.10 7.49 11.14
C ILE B 110 -11.47 7.48 10.48
N PRO B 111 -12.28 8.55 10.61
CA PRO B 111 -13.58 8.54 9.97
C PRO B 111 -13.53 8.75 8.47
N SER B 112 -14.70 8.51 7.85
CA SER B 112 -14.95 8.83 6.47
C SER B 112 -14.61 10.30 6.18
N ASN B 113 -13.97 10.54 5.03
CA ASN B 113 -13.81 11.89 4.51
C ASN B 113 -13.07 12.79 5.48
N ALA B 114 -12.01 12.26 6.11
CA ALA B 114 -11.23 13.02 7.08
C ALA B 114 -10.09 13.80 6.43
N THR B 115 -9.93 15.05 6.87
CA THR B 115 -8.75 15.84 6.57
C THR B 115 -7.71 15.63 7.67
N LEU B 116 -6.44 15.47 7.25
CA LEU B 116 -5.35 15.17 8.15
C LEU B 116 -4.31 16.30 8.09
N PHE B 117 -3.67 16.52 9.24
CA PHE B 117 -2.58 17.45 9.36
C PHE B 117 -1.36 16.73 9.93
N PHE B 118 -0.19 16.98 9.36
CA PHE B 118 1.04 16.45 9.89
C PHE B 118 2.10 17.55 9.95
N GLU B 119 2.95 17.42 10.95
CA GLU B 119 4.25 18.06 11.02
C GLU B 119 5.31 16.99 10.92
N ILE B 120 6.19 17.10 9.89
CA ILE B 120 7.16 16.07 9.57
C ILE B 120 8.56 16.68 9.57
N GLU B 121 9.50 16.01 10.25
CA GLU B 121 10.92 16.33 10.18
C GLU B 121 11.61 15.18 9.45
N LEU B 122 12.24 15.50 8.32
CA LEU B 122 12.97 14.50 7.55
C LEU B 122 14.36 14.40 8.18
N LEU B 123 14.60 13.30 8.88
CA LEU B 123 15.88 13.11 9.56
C LEU B 123 16.99 12.67 8.62
N ASP B 124 16.67 11.75 7.74
CA ASP B 124 17.66 11.14 6.87
C ASP B 124 16.93 10.32 5.81
N PHE B 125 17.67 10.00 4.74
CA PHE B 125 17.21 9.01 3.79
C PHE B 125 18.44 8.38 3.15
N LYS B 126 18.29 7.10 2.79
CA LYS B 126 19.41 6.27 2.37
C LYS B 126 18.91 5.46 1.18
N GLY B 127 19.82 5.22 0.22
CA GLY B 127 19.52 4.31 -0.85
C GLY B 127 19.18 2.93 -0.33
N GLU B 128 18.48 2.21 -1.20
CA GLU B 128 18.08 0.83 -1.00
C GLU B 128 19.31 -0.09 -1.18
C4 A1INS C . -4.66 -3.85 -8.76
C14 A1INS C . 0.09 -3.00 -12.42
C5 A1INS C . -4.66 -3.64 -10.12
C6 A1INS C . -4.09 -2.50 -10.66
C11 A1INS C . -2.63 -1.68 -14.33
C7 A1INS C . -3.48 -1.56 -9.83
C8 A1INS C . -3.65 0.68 -10.61
C9 A1INS C . -4.01 -3.30 -12.89
C10 A1INS C . -3.75 -2.70 -14.26
C12 A1INS C . -2.35 -1.29 -15.75
C13 A1INS C . -0.96 -2.12 -12.51
N1 A1INS C . -1.48 -2.33 -13.72
N2 A1INS C . 0.10 -3.77 -13.54
C3 A1INS C . -4.03 -2.91 -7.94
N3 A1INS C . -0.84 -3.32 -14.34
C1 A1INS C . -2.88 -0.84 -6.37
O1 A1INS C . -2.85 -0.78 -7.77
C2 A1INS C . -3.47 -1.78 -8.47
O2 A1INS C . -2.84 -0.45 -10.32
O3 A1INS C . -4.11 -2.20 -11.98
C15 A1INS C . 0.97 -3.30 -11.27
C16 A1INS C . 0.06 -3.60 -10.06
C17 A1INS C . 0.79 -4.04 -8.82
C18 A1INS C . -0.18 -4.07 -7.69
O4 A1INS C . -1.20 -5.08 -7.82
C19 A1INS C . -1.00 -6.22 -7.18
O5 A1INS C . -0.02 -6.50 -6.57
C20 A1INS C . -2.20 -7.13 -7.22
C21 A1INS C . -1.83 -8.54 -7.67
C22 A1INS C . -1.50 -8.52 -9.15
C23 A1INS C . -2.71 -8.05 -9.97
C24 A1INS C . -3.22 -6.68 -9.49
N4 A1INS C . -3.34 -6.62 -8.00
C25 A1INS C . -4.23 -5.83 -7.37
O6 A1INS C . -4.13 -5.62 -6.15
C26 A1INS C . -5.29 -5.11 -8.17
C27 A1INS C . -6.52 -4.80 -7.30
C28 A1INS C . -7.47 -3.83 -8.00
C29 A1INS C . -8.76 -3.58 -7.22
C30 A1INS C . -9.44 -4.86 -6.85
C31 A1INS C . -8.49 -5.75 -6.09
C32 A1INS C . -7.24 -6.07 -6.89
H5 A1INS C . -5.10 -4.26 -10.69
H13 A1INS C . -2.89 -0.89 -13.81
H7 A1INS C . -3.08 1.39 -10.95
H8 A1INS C . -4.09 0.97 -9.80
H6 A1INS C . -4.30 0.44 -11.28
H9 A1INS C . -4.85 -3.81 -12.90
H10 A1INS C . -3.27 -3.90 -12.63
H11 A1INS C . -4.57 -2.28 -14.57
H12 A1INS C . -3.54 -3.43 -14.88
H16 A1INS C . -2.13 -2.08 -16.28
H14 A1INS C . -1.60 -0.67 -15.78
H15 A1INS C . -3.13 -0.86 -16.13
H17 A1INS C . -1.24 -1.50 -11.86
H4 A1INS C . -4.02 -3.06 -7.00
H2 A1INS C . -2.44 -0.06 -6.01
H3 A1INS C . -2.43 -1.64 -6.07
H1 A1INS C . -3.81 -0.86 -6.07
H19 A1INS C . 1.53 -4.06 -11.47
H18 A1INS C . 1.53 -2.53 -11.08
H21 A1INS C . -0.46 -2.78 -9.85
H20 A1INS C . -0.58 -4.29 -10.32
H23 A1INS C . 1.17 -4.94 -8.96
H22 A1INS C . 1.53 -3.41 -8.62
H25 A1INS C . 0.32 -4.21 -6.86
H24 A1INS C . -0.61 -3.19 -7.62
H26 A1INS C . -2.52 -7.20 -6.28
H28 A1INS C . -1.05 -8.86 -7.15
H27 A1INS C . -2.59 -9.15 -7.50
H29 A1INS C . -1.24 -9.43 -9.44
H30 A1INS C . -0.74 -7.92 -9.32
H31 A1INS C . -3.44 -8.71 -9.87
H32 A1INS C . -2.48 -8.00 -10.91
H33 A1INS C . -4.09 -6.50 -9.90
H34 A1INS C . -2.58 -5.99 -9.79
H35 A1INS C . -5.57 -5.70 -8.92
H36 A1INS C . -6.20 -4.35 -6.47
H37 A1INS C . -7.70 -4.19 -8.88
H38 A1INS C . -7.02 -2.97 -8.13
H40 A1INS C . -8.55 -3.08 -6.40
H39 A1INS C . -9.37 -3.04 -7.77
H42 A1INS C . -10.23 -4.66 -6.29
H41 A1INS C . -9.74 -5.33 -7.66
H44 A1INS C . -8.23 -5.28 -5.25
H43 A1INS C . -8.94 -6.58 -5.84
H45 A1INS C . -7.51 -6.57 -7.70
H46 A1INS C . -6.65 -6.63 -6.35
C4 A1INS D . -1.71 6.35 11.75
C4 A1INS D . -1.72 6.36 11.73
C14 A1INS D . 2.20 1.92 11.11
C14 A1INS D . 2.08 2.28 11.11
C5 A1INS D . -0.98 5.75 12.76
C5 A1INS D . -0.97 5.75 12.73
C6 A1INS D . -1.15 4.41 13.07
C6 A1INS D . -1.14 4.42 13.04
C11 A1INS D . 1.47 1.81 14.64
C11 A1INS D . 2.73 3.08 14.57
C7 A1INS D . -2.06 3.65 12.36
C7 A1INS D . -2.05 3.65 12.33
C8 A1INS D . -1.78 1.33 11.83
C8 A1INS D . -1.41 1.41 11.94
C9 A1INS D . 0.74 4.31 14.59
C9 A1INS D . 0.66 4.51 14.61
C10 A1INS D . 1.61 3.23 15.22
C10 A1INS D . 1.54 3.56 15.38
C12 A1INS D . 2.09 0.68 15.48
C12 A1INS D . 3.92 4.01 14.46
C13 A1INS D . 1.28 1.92 12.13
C13 A1INS D . 2.49 3.22 12.02
N1 A1INS D . 1.98 1.84 13.26
N1 A1INS D . 2.37 2.62 13.23
N2 A1INS D . 3.43 1.83 11.68
N2 A1INS D . 1.67 1.20 11.79
C3 A1INS D . -2.65 5.59 11.05
C3 A1INS D . -2.66 5.59 11.04
N3 A1INS D . 3.30 1.79 12.99
N3 A1INS D . 1.87 1.38 13.07
C1 A1INS D . -4.56 4.01 9.73
C1 A1INS D . -4.57 4.00 9.73
O1 A1INS D . -3.74 3.43 10.73
O1 A1INS D . -3.72 3.42 10.73
C2 A1INS D . -2.83 4.25 11.35
C2 A1INS D . -2.83 4.25 11.34
O2 A1INS D . -2.25 2.33 12.69
O2 A1INS D . -2.23 2.33 12.64
O3 A1INS D . -0.45 3.71 14.03
O3 A1INS D . -0.41 3.74 13.98
C15 A1INS D . 1.99 2.05 9.63
C15 A1INS D . 1.93 2.36 9.63
C16 A1INS D . 0.85 3.05 9.35
C16 A1INS D . 0.70 3.18 9.31
C17 A1INS D . 0.59 3.34 7.90
C17 A1INS D . 0.47 3.35 7.84
C18 A1INS D . -0.60 4.24 7.73
C18 A1INS D . -0.67 4.28 7.68
O4 A1INS D . -0.36 5.57 8.29
O4 A1INS D . -0.38 5.57 8.27
C19 A1INS D . 0.05 6.48 7.40
C19 A1INS D . 0.05 6.49 7.40
O5 A1INS D . 0.26 6.28 6.25
O5 A1INS D . 0.26 6.30 6.24
C20 A1INS D . 0.19 7.86 8.06
C20 A1INS D . 0.18 7.87 8.06
C21 A1INS D . 1.53 8.47 7.69
C21 A1INS D . 1.53 8.49 7.69
C22 A1INS D . 2.67 7.81 8.42
C22 A1INS D . 2.67 7.81 8.42
C23 A1INS D . 2.44 7.95 9.91
C23 A1INS D . 2.43 7.95 9.91
C24 A1INS D . 1.10 7.37 10.34
C24 A1INS D . 1.08 7.37 10.34
N4 A1INS D . -0.02 7.82 9.50
N4 A1INS D . -0.02 7.82 9.50
C25 A1INS D . -1.28 8.01 9.96
C25 A1INS D . -1.28 8.02 9.96
O6 A1INS D . -2.23 8.26 9.21
O6 A1INS D . -2.23 8.27 9.20
C26 A1INS D . -1.55 7.83 11.44
C26 A1INS D . -1.56 7.84 11.44
C27 A1INS D . -2.78 8.66 11.87
C27 A1INS D . -2.79 8.66 11.87
C28 A1INS D . -3.21 8.33 13.30
C28 A1INS D . -3.22 8.34 13.29
C29 A1INS D . -4.37 9.20 13.75
C29 A1INS D . -4.38 9.20 13.75
C30 A1INS D . -4.09 10.68 13.62
C30 A1INS D . -4.10 10.68 13.62
C31 A1INS D . -3.72 10.98 12.17
C31 A1INS D . -3.73 11.00 12.18
C32 A1INS D . -2.52 10.15 11.76
C32 A1INS D . -2.53 10.16 11.76
H5 A1INS D . -0.34 6.26 13.23
H5 A1INS D . -0.33 6.27 13.20
H13 A1INS D . 0.50 1.63 14.59
H13 A1INS D . 3.08 2.28 15.04
H7 A1INS D . -2.01 0.46 12.19
H7 A1INS D . -1.57 0.51 12.28
H8 A1INS D . -0.81 1.40 11.75
H8 A1INS D . -0.48 1.64 12.07
H6 A1INS D . -2.18 1.43 10.96
H6 A1INS D . -1.63 1.44 11.00
H9 A1INS D . 0.48 4.97 15.27
H9 A1INS D . 0.28 5.18 15.22
H10 A1INS D . 1.24 4.78 13.90
H10 A1INS D . 1.19 4.96 13.92
H11 A1INS D . 1.41 3.19 16.19
H11 A1INS D . 1.01 2.78 15.66
H12 A1INS D . 2.54 3.50 15.14
H12 A1INS D . 1.86 4.01 16.19
H16 A1INS D . 3.05 0.84 15.59
H16 A1INS D . 3.62 4.87 14.11
H14 A1INS D . 1.97 -0.18 15.01
H14 A1INS D . 4.58 3.62 13.86
H15 A1INS D . 1.68 0.63 16.35
H15 A1INS D . 4.31 4.14 15.33
H17 A1INS D . 0.34 1.99 12.05
H17 A1INS D . 2.85 4.07 11.86
H4 A1INS D . -3.18 6.00 10.38
H4 A1INS D . -3.19 6.01 10.38
H2 A1INS D . -5.18 3.34 9.39
H2 A1INS D . -5.18 3.33 9.40
H3 A1INS D . -4.01 4.33 9.00
H3 A1INS D . -4.02 4.32 8.99
H1 A1INS D . -5.07 4.75 10.11
H1 A1INS D . -5.07 4.74 10.11
H19 A1INS D . 2.80 2.36 9.21
H19 A1INS D . 2.72 2.78 9.24
H18 A1INS D . 1.76 1.18 9.26
H18 A1INS D . 1.84 1.46 9.25
H21 A1INS D . 0.02 2.69 9.75
H21 A1INS D . -0.08 2.74 9.71
H20 A1INS D . 1.05 3.89 9.81
H20 A1INS D . 0.80 4.07 9.73
H23 A1INS D . 1.37 3.76 7.51
H23 A1INS D . 1.28 3.73 7.41
H22 A1INS D . 0.42 2.50 7.42
H22 A1INS D . 0.27 2.49 7.42
H25 A1INS D . -0.81 4.32 6.78
H25 A1INS D . -0.86 4.39 6.72
H24 A1INS D . -1.37 3.83 8.18
H24 A1INS D . -1.46 3.89 8.10
H26 A1INS D . -0.54 8.44 7.67
H26 A1INS D . -0.53 8.45 7.67
H28 A1INS D . 1.68 8.40 6.72
H28 A1INS D . 1.68 8.41 6.72
H27 A1INS D . 1.52 9.44 7.92
H27 A1INS D . 1.52 9.45 7.93
H29 A1INS D . 3.52 8.23 8.16
H29 A1INS D . 3.52 8.22 8.18
H30 A1INS D . 2.70 6.86 8.18
H30 A1INS D . 2.70 6.86 8.18
H31 A1INS D . 2.46 8.91 10.15
H31 A1INS D . 2.47 8.90 10.16
H32 A1INS D . 3.16 7.50 10.39
H32 A1INS D . 3.15 7.48 10.39
H33 A1INS D . 0.91 7.63 11.28
H33 A1INS D . 0.91 7.62 11.27
H34 A1INS D . 1.14 6.39 10.31
H34 A1INS D . 1.13 6.38 10.30
H35 A1INS D . -0.75 8.15 11.94
H35 A1INS D . -0.76 8.16 11.94
H36 A1INS D . -3.54 8.43 11.27
H36 A1INS D . -3.55 8.44 11.26
H37 A1INS D . -2.44 8.48 13.90
H37 A1INS D . -2.45 8.49 13.89
H38 A1INS D . -3.46 7.39 13.36
H38 A1INS D . -3.47 7.40 13.35
H40 A1INS D . -5.16 8.96 13.22
H40 A1INS D . -5.17 8.98 13.22
H39 A1INS D . -4.58 8.99 14.69
H39 A1INS D . -4.58 9.00 14.69
H42 A1INS D . -4.90 11.19 13.88
H42 A1INS D . -4.89 11.20 13.87
H41 A1INS D . -3.37 10.93 14.22
H41 A1INS D . -3.36 10.94 14.22
H44 A1INS D . -4.47 10.79 11.59
H44 A1INS D . -4.48 10.79 11.59
H43 A1INS D . -3.50 11.94 12.09
H43 A1INS D . -3.51 11.95 12.09
H45 A1INS D . -1.76 10.39 12.33
H45 A1INS D . -1.77 10.39 12.33
H46 A1INS D . -2.28 10.38 10.84
H46 A1INS D . -2.29 10.38 10.84
#